data_2QK9
#
_entry.id   2QK9
#
_cell.length_a   158.578
_cell.length_b   158.578
_cell.length_c   142.055
_cell.angle_alpha   90.00
_cell.angle_beta   90.00
_cell.angle_gamma   120.00
#
_symmetry.space_group_name_H-M   'H 3 2'
#
loop_
_entity.id
_entity.type
_entity.pdbx_description
1 polymer "5'-R(*AP*GP*UP*GP*CP*GP*AP*CP*AP*CP*CP*UP*GP*AP*UP*UP*CP*C)-3'"
2 polymer "5'-D(*GP*GP*AP*AP*TP*CP*AP*GP*GP*TP*GP*TP*CP*GP*CP*AP*CP*T)-3'"
3 polymer 'Ribonuclease H1'
4 non-polymer 'SULFATE ION'
5 non-polymer HEXANE-1,6-DIAMINE
6 non-polymer 'SODIUM ION'
7 non-polymer 'CITRATE ANION'
8 non-polymer GLYCEROL
9 water water
#
loop_
_entity_poly.entity_id
_entity_poly.type
_entity_poly.pdbx_seq_one_letter_code
_entity_poly.pdbx_strand_id
1 'polyribonucleotide' AGUGCGACACCUGAUUCC B
2 'polydeoxyribonucleotide' (DG)(DG)(DA)(DA)(DT)(DC)(DA)(DG)(DG)(DT)(DG)(DT)(DC)(DG)(DC)(DA)(DC)(DT) C
3 'polypeptide(L)'
;GSHMGDFVVVYTDGCCSSNGRRRPRAGIGVYWGPGHPLNVGIRLPGRQTNQRAEIHAACKAIEQAKTQNINKLVLYTNSM
FTINGITNWVQGWKKNGWKTSAGKEVINKEDFVALERLTQGMDIQWMHVPGHSGFIGNEEADRLAREGAKQSED
;
A
#
# COMPACT_ATOMS: atom_id res chain seq x y z
N SER C 2 24.88 10.23 -12.95
CA SER C 2 25.38 11.20 -11.92
C SER C 2 24.98 10.89 -10.47
N HIS C 3 24.91 11.95 -9.66
CA HIS C 3 24.57 11.97 -8.21
C HIS C 3 24.51 10.72 -7.29
N MET C 4 23.34 10.11 -7.21
CA MET C 4 23.03 8.94 -6.35
C MET C 4 22.55 9.46 -4.98
N GLY C 5 21.23 9.40 -4.76
CA GLY C 5 20.64 9.90 -3.54
C GLY C 5 20.70 8.97 -2.35
N ASP C 6 19.84 9.25 -1.38
CA ASP C 6 19.81 8.47 -0.18
C ASP C 6 18.58 7.61 -0.10
N PHE C 7 17.71 7.70 -1.08
CA PHE C 7 16.47 6.94 -1.02
C PHE C 7 16.46 5.57 -1.69
N VAL C 8 15.69 4.62 -1.17
CA VAL C 8 15.58 3.39 -1.90
C VAL C 8 14.12 3.42 -2.38
N VAL C 9 13.94 3.09 -3.66
CA VAL C 9 12.66 3.07 -4.35
C VAL C 9 11.87 1.72 -4.23
N VAL C 10 10.54 1.79 -4.08
CA VAL C 10 9.70 0.60 -3.96
C VAL C 10 8.34 0.84 -4.64
N TYR C 11 7.77 -0.21 -5.24
CA TYR C 11 6.47 -0.13 -5.91
C TYR C 11 5.52 -1.08 -5.19
N THR C 12 4.34 -0.58 -4.83
CA THR C 12 3.35 -1.42 -4.15
C THR C 12 2.07 -1.51 -4.95
N ASP C 13 1.34 -2.58 -4.74
CA ASP C 13 0.08 -2.72 -5.42
C ASP C 13 -0.80 -3.61 -4.63
N GLY C 14 -2.08 -3.25 -4.56
CA GLY C 14 -3.04 -4.07 -3.87
C GLY C 14 -4.08 -4.41 -4.93
N CYS C 15 -4.45 -5.68 -5.08
CA CYS C 15 -5.47 -6.02 -6.08
C CYS C 15 -6.59 -6.73 -5.35
N CYS C 16 -7.75 -6.74 -5.99
CA CYS C 16 -8.90 -7.43 -5.44
C CYS C 16 -9.78 -7.93 -6.59
N SER C 17 -9.80 -9.23 -6.81
CA SER C 17 -10.59 -9.69 -7.93
C SER C 17 -12.00 -9.75 -7.37
N SER C 18 -13.00 -9.53 -8.23
CA SER C 18 -14.39 -9.54 -7.78
C SER C 18 -14.63 -8.50 -6.67
N ASN C 19 -14.06 -7.31 -6.83
CA ASN C 19 -14.21 -6.24 -5.87
C ASN C 19 -15.68 -5.76 -5.97
N GLY C 20 -16.35 -5.77 -4.81
CA GLY C 20 -17.75 -5.39 -4.77
C GLY C 20 -18.68 -6.51 -5.30
N ARG C 21 -18.24 -7.75 -5.27
CA ARG C 21 -19.05 -8.86 -5.74
C ARG C 21 -19.17 -9.93 -4.68
N ARG C 22 -19.76 -11.05 -5.06
CA ARG C 22 -19.97 -12.11 -4.11
C ARG C 22 -18.72 -12.71 -3.44
N ARG C 23 -17.61 -12.88 -4.15
CA ARG C 23 -16.45 -13.47 -3.50
C ARG C 23 -15.14 -12.79 -3.87
N PRO C 24 -14.88 -11.63 -3.29
CA PRO C 24 -13.65 -10.93 -3.61
C PRO C 24 -12.43 -11.61 -3.02
N ARG C 25 -11.32 -11.51 -3.74
CA ARG C 25 -10.01 -12.08 -3.34
C ARG C 25 -9.03 -10.95 -3.53
N ALA C 26 -8.33 -10.60 -2.44
CA ALA C 26 -7.42 -9.48 -2.46
C ALA C 26 -6.01 -9.89 -2.13
N GLY C 27 -5.06 -9.19 -2.75
CA GLY C 27 -3.66 -9.46 -2.47
C GLY C 27 -2.87 -8.18 -2.54
N ILE C 28 -1.68 -8.25 -1.93
CA ILE C 28 -0.75 -7.14 -1.90
C ILE C 28 0.55 -7.59 -2.56
N GLY C 29 1.20 -6.65 -3.23
CA GLY C 29 2.44 -6.92 -3.90
C GLY C 29 3.45 -5.81 -3.66
N VAL C 30 4.68 -6.21 -3.36
CA VAL C 30 5.72 -5.26 -3.11
C VAL C 30 6.91 -5.62 -3.99
N TYR C 31 7.36 -4.64 -4.76
CA TYR C 31 8.48 -4.85 -5.67
C TYR C 31 9.63 -3.89 -5.40
N TRP C 32 10.76 -4.48 -5.02
CA TRP C 32 11.99 -3.75 -4.69
C TRP C 32 12.99 -3.73 -5.80
N GLY C 33 12.75 -4.49 -6.87
CA GLY C 33 13.72 -4.55 -7.95
C GLY C 33 13.73 -5.94 -8.59
N PRO C 34 14.31 -6.08 -9.76
CA PRO C 34 14.30 -7.40 -10.40
C PRO C 34 14.93 -8.53 -9.58
N GLY C 35 14.17 -9.60 -9.38
CA GLY C 35 14.69 -10.74 -8.66
C GLY C 35 15.16 -10.40 -7.28
N HIS C 36 14.60 -9.33 -6.74
CA HIS C 36 14.99 -8.93 -5.41
C HIS C 36 14.41 -9.87 -4.37
N PRO C 37 15.23 -10.36 -3.46
CA PRO C 37 14.72 -11.28 -2.45
C PRO C 37 13.60 -10.89 -1.55
N LEU C 38 13.29 -9.60 -1.49
CA LEU C 38 12.21 -9.21 -0.63
C LEU C 38 10.89 -9.04 -1.38
N ASN C 39 10.89 -9.30 -2.68
CA ASN C 39 9.66 -9.14 -3.42
C ASN C 39 8.56 -10.04 -2.84
N VAL C 40 7.35 -9.52 -2.70
CA VAL C 40 6.30 -10.37 -2.17
C VAL C 40 4.97 -10.21 -2.83
N GLY C 41 4.23 -11.32 -2.83
CA GLY C 41 2.88 -11.41 -3.34
C GLY C 41 2.20 -12.20 -2.22
N ILE C 42 1.32 -11.54 -1.47
CA ILE C 42 0.64 -12.15 -0.33
C ILE C 42 -0.89 -12.00 -0.31
N ARG C 43 -1.58 -12.98 0.25
CA ARG C 43 -3.04 -12.87 0.34
C ARG C 43 -3.35 -11.81 1.42
N LEU C 44 -4.32 -10.95 1.18
CA LEU C 44 -4.66 -9.93 2.17
C LEU C 44 -5.55 -10.55 3.23
N PRO C 45 -5.17 -10.41 4.50
CA PRO C 45 -5.97 -10.97 5.60
C PRO C 45 -7.13 -10.03 5.83
N GLY C 46 -8.28 -10.58 6.21
CA GLY C 46 -9.41 -9.70 6.50
C GLY C 46 -10.44 -9.33 5.45
N ARG C 47 -11.09 -8.20 5.68
CA ARG C 47 -12.14 -7.74 4.77
C ARG C 47 -11.49 -7.58 3.39
N GLN C 48 -12.10 -8.15 2.36
CA GLN C 48 -11.51 -8.08 1.03
C GLN C 48 -11.93 -6.94 0.11
N THR C 49 -11.09 -5.92 -0.06
CA THR C 49 -11.44 -4.82 -0.96
C THR C 49 -10.22 -4.23 -1.64
N ASN C 50 -10.44 -3.52 -2.74
CA ASN C 50 -9.31 -2.92 -3.39
C ASN C 50 -8.67 -1.92 -2.44
N GLN C 51 -9.47 -1.01 -1.85
CA GLN C 51 -8.94 0.01 -0.95
C GLN C 51 -8.08 -0.58 0.17
N ARG C 52 -8.53 -1.63 0.84
CA ARG C 52 -7.70 -2.19 1.91
C ARG C 52 -6.41 -2.79 1.37
N ALA C 53 -6.50 -3.46 0.22
CA ALA C 53 -5.31 -4.08 -0.34
C ALA C 53 -4.29 -3.01 -0.70
N GLU C 54 -4.75 -1.96 -1.37
CA GLU C 54 -3.90 -0.88 -1.76
C GLU C 54 -3.18 -0.29 -0.52
N ILE C 55 -3.92 -0.02 0.54
CA ILE C 55 -3.31 0.53 1.75
C ILE C 55 -2.36 -0.47 2.42
N HIS C 56 -2.77 -1.72 2.54
CA HIS C 56 -1.89 -2.68 3.16
C HIS C 56 -0.62 -3.06 2.38
N ALA C 57 -0.63 -2.86 1.07
CA ALA C 57 0.56 -3.16 0.28
C ALA C 57 1.63 -2.15 0.72
N ALA C 58 1.22 -0.89 0.89
CA ALA C 58 2.13 0.13 1.34
C ALA C 58 2.60 -0.17 2.77
N CYS C 59 1.71 -0.69 3.63
CA CYS C 59 2.17 -0.99 4.97
C CYS C 59 3.31 -1.99 4.90
N LYS C 60 3.10 -3.05 4.11
CA LYS C 60 4.07 -4.11 3.96
C LYS C 60 5.41 -3.60 3.49
N ALA C 61 5.40 -2.65 2.56
CA ALA C 61 6.66 -2.14 2.06
C ALA C 61 7.41 -1.45 3.20
N ILE C 62 6.71 -0.59 3.94
CA ILE C 62 7.35 0.13 5.01
C ILE C 62 7.88 -0.80 6.08
N GLU C 63 7.08 -1.79 6.40
CA GLU C 63 7.46 -2.75 7.39
C GLU C 63 8.75 -3.43 6.94
N GLN C 64 8.81 -3.87 5.68
CA GLN C 64 10.03 -4.51 5.22
C GLN C 64 11.17 -3.52 5.25
N ALA C 65 10.86 -2.27 4.92
CA ALA C 65 11.90 -1.26 4.89
C ALA C 65 12.59 -1.13 6.24
N LYS C 66 11.79 -1.14 7.30
CA LYS C 66 12.31 -0.99 8.63
C LYS C 66 13.12 -2.20 8.95
N THR C 67 12.64 -3.33 8.51
CA THR C 67 13.36 -4.54 8.76
C THR C 67 14.80 -4.43 8.30
N GLN C 68 15.08 -3.49 7.42
CA GLN C 68 16.42 -3.34 6.89
C GLN C 68 17.09 -2.04 7.26
N ASN C 69 16.54 -1.36 8.24
CA ASN C 69 17.10 -0.08 8.64
C ASN C 69 17.10 0.89 7.48
N ILE C 70 16.06 0.86 6.67
CA ILE C 70 15.94 1.83 5.61
C ILE C 70 14.97 2.81 6.20
N ASN C 71 15.26 4.10 6.12
CA ASN C 71 14.31 5.08 6.67
C ASN C 71 14.07 6.26 5.72
N LYS C 72 14.64 6.17 4.51
CA LYS C 72 14.43 7.16 3.47
C LYS C 72 13.92 6.32 2.27
N LEU C 73 12.60 6.28 2.12
CA LEU C 73 11.90 5.46 1.11
C LEU C 73 11.07 6.26 0.11
N VAL C 74 11.16 5.90 -1.17
CA VAL C 74 10.31 6.56 -2.18
C VAL C 74 9.28 5.46 -2.47
N LEU C 75 8.02 5.68 -2.10
CA LEU C 75 7.00 4.65 -2.30
C LEU C 75 6.03 5.00 -3.42
N TYR C 76 6.05 4.23 -4.51
CA TYR C 76 5.14 4.46 -5.60
C TYR C 76 3.93 3.54 -5.41
N THR C 77 2.73 4.10 -5.60
CA THR C 77 1.46 3.38 -5.55
C THR C 77 0.52 4.04 -6.58
N ASN C 78 -0.52 3.31 -6.97
CA ASN C 78 -1.46 3.84 -7.94
C ASN C 78 -2.53 4.58 -7.16
N SER C 79 -2.69 4.17 -5.90
CA SER C 79 -3.74 4.65 -5.04
C SER C 79 -3.67 6.04 -4.48
N MET C 80 -4.32 7.01 -5.14
CA MET C 80 -4.39 8.37 -4.60
C MET C 80 -5.20 8.32 -3.30
N PHE C 81 -6.08 7.35 -3.17
CA PHE C 81 -6.86 7.23 -1.96
C PHE C 81 -5.89 6.98 -0.81
N THR C 82 -4.90 6.12 -1.04
CA THR C 82 -3.93 5.85 0.01
C THR C 82 -3.04 7.08 0.20
N ILE C 83 -2.61 7.70 -0.88
CA ILE C 83 -1.74 8.84 -0.72
C ILE C 83 -2.40 10.00 0.00
N ASN C 84 -3.55 10.42 -0.50
CA ASN C 84 -4.28 11.52 0.08
C ASN C 84 -4.68 11.20 1.51
N GLY C 85 -5.03 9.95 1.76
CA GLY C 85 -5.44 9.60 3.11
C GLY C 85 -4.31 9.85 4.08
N ILE C 86 -3.19 9.18 3.85
CA ILE C 86 -2.05 9.28 4.74
C ILE C 86 -1.33 10.62 4.73
N THR C 87 -1.39 11.38 3.64
CA THR C 87 -0.64 12.65 3.63
C THR C 87 -1.56 13.85 3.79
N ASN C 88 -2.80 13.63 4.19
CA ASN C 88 -3.69 14.74 4.30
C ASN C 88 -4.96 14.48 5.11
N TRP C 89 -5.85 13.67 4.57
CA TRP C 89 -7.07 13.40 5.30
C TRP C 89 -6.89 12.95 6.77
N VAL C 90 -5.90 12.10 7.04
CA VAL C 90 -5.71 11.61 8.40
C VAL C 90 -5.53 12.71 9.44
N GLN C 91 -4.81 13.78 9.10
CA GLN C 91 -4.59 14.87 10.05
C GLN C 91 -5.95 15.37 10.55
N GLY C 92 -6.83 15.60 9.58
CA GLY C 92 -8.16 16.06 9.89
C GLY C 92 -9.01 15.02 10.59
N TRP C 93 -8.98 13.78 10.12
CA TRP C 93 -9.80 12.74 10.75
C TRP C 93 -9.49 12.61 12.21
N LYS C 94 -8.22 12.79 12.55
CA LYS C 94 -7.81 12.68 13.94
C LYS C 94 -8.37 13.85 14.74
N LYS C 95 -8.49 15.01 14.12
CA LYS C 95 -9.04 16.16 14.81
C LYS C 95 -10.56 16.25 14.76
N ASN C 96 -11.26 15.21 14.28
CA ASN C 96 -12.72 15.31 14.21
C ASN C 96 -13.45 14.02 14.49
N GLY C 97 -12.77 13.10 15.15
CA GLY C 97 -13.40 11.84 15.49
C GLY C 97 -13.55 10.89 14.32
N TRP C 98 -12.61 10.93 13.37
CA TRP C 98 -12.63 10.06 12.19
C TRP C 98 -13.99 10.08 11.53
N LYS C 99 -14.30 11.24 10.98
CA LYS C 99 -15.56 11.45 10.37
C LYS C 99 -15.47 11.93 8.96
N THR C 100 -16.30 11.29 8.16
CA THR C 100 -16.41 11.56 6.76
C THR C 100 -16.94 12.95 6.46
N SER C 101 -16.81 13.33 5.21
CA SER C 101 -17.32 14.59 4.71
C SER C 101 -18.85 14.69 4.98
N ALA C 102 -19.50 13.56 5.15
CA ALA C 102 -20.93 13.48 5.43
C ALA C 102 -21.17 13.10 6.89
N GLY C 103 -20.17 13.24 7.72
CA GLY C 103 -20.38 12.91 9.11
C GLY C 103 -20.48 11.43 9.39
N LYS C 104 -20.24 10.56 8.41
CA LYS C 104 -20.29 9.11 8.70
C LYS C 104 -18.93 8.63 9.15
N GLU C 105 -18.88 7.49 9.81
CA GLU C 105 -17.60 6.92 10.26
C GLU C 105 -16.68 6.62 9.06
N VAL C 106 -15.40 7.04 9.17
CA VAL C 106 -14.40 6.79 8.13
C VAL C 106 -14.24 5.26 8.08
N ILE C 107 -14.54 4.66 6.93
CA ILE C 107 -14.51 3.21 6.79
C ILE C 107 -13.20 2.47 6.98
N ASN C 108 -12.11 3.07 6.50
CA ASN C 108 -10.80 2.45 6.58
C ASN C 108 -9.92 3.00 7.68
N LYS C 109 -10.55 3.33 8.81
CA LYS C 109 -9.82 3.88 9.94
C LYS C 109 -8.73 2.93 10.40
N GLU C 110 -9.11 1.68 10.66
CA GLU C 110 -8.12 0.70 11.12
C GLU C 110 -6.93 0.64 10.19
N ASP C 111 -7.21 0.68 8.88
CA ASP C 111 -6.14 0.60 7.89
C ASP C 111 -5.26 1.84 7.94
N PHE C 112 -5.86 3.02 7.88
CA PHE C 112 -5.02 4.21 7.94
C PHE C 112 -4.31 4.34 9.28
N VAL C 113 -4.87 3.80 10.36
CA VAL C 113 -4.20 3.90 11.66
C VAL C 113 -2.91 3.08 11.63
N ALA C 114 -3.06 1.85 11.16
CA ALA C 114 -1.94 0.94 11.05
C ALA C 114 -0.87 1.53 10.12
N LEU C 115 -1.29 2.18 9.04
CA LEU C 115 -0.33 2.76 8.11
C LEU C 115 0.40 3.92 8.78
N GLU C 116 -0.33 4.79 9.49
CA GLU C 116 0.36 5.93 10.10
C GLU C 116 1.36 5.51 11.14
N ARG C 117 0.98 4.51 11.95
CA ARG C 117 1.88 4.01 12.97
C ARG C 117 3.17 3.56 12.28
N LEU C 118 3.04 2.89 11.14
CA LEU C 118 4.21 2.44 10.41
C LEU C 118 5.01 3.59 9.86
N THR C 119 4.40 4.70 9.51
CA THR C 119 5.21 5.78 8.98
C THR C 119 6.06 6.47 10.02
N GLN C 120 5.84 6.22 11.31
CA GLN C 120 6.64 6.91 12.33
C GLN C 120 8.12 6.59 12.18
N GLY C 121 8.97 7.61 12.21
CA GLY C 121 10.38 7.33 12.11
C GLY C 121 10.91 7.14 10.70
N MET C 122 10.04 7.33 9.71
CA MET C 122 10.37 7.15 8.30
C MET C 122 10.25 8.44 7.53
N ASP C 123 11.19 8.72 6.64
CA ASP C 123 11.06 9.90 5.78
C ASP C 123 10.56 9.27 4.46
N ILE C 124 9.24 9.20 4.29
CA ILE C 124 8.67 8.61 3.09
C ILE C 124 8.24 9.64 2.06
N GLN C 125 8.63 9.46 0.79
CA GLN C 125 8.18 10.37 -0.26
C GLN C 125 7.16 9.58 -1.08
N TRP C 126 5.87 9.79 -0.83
CA TRP C 126 4.81 9.08 -1.56
C TRP C 126 4.70 9.57 -2.98
N MET C 127 4.84 8.68 -3.96
CA MET C 127 4.69 9.11 -5.34
C MET C 127 3.63 8.29 -6.01
N HIS C 128 2.98 8.89 -6.99
CA HIS C 128 1.98 8.19 -7.73
C HIS C 128 2.53 7.62 -9.04
N VAL C 129 2.12 6.39 -9.33
CA VAL C 129 2.45 5.75 -10.60
C VAL C 129 1.10 5.34 -11.19
N PRO C 130 0.84 5.69 -12.45
CA PRO C 130 -0.40 5.40 -13.19
C PRO C 130 -0.75 3.91 -13.12
N GLY C 131 -2.01 3.59 -12.79
CA GLY C 131 -2.43 2.21 -12.69
C GLY C 131 -2.08 1.36 -13.90
N HIS C 132 -2.14 1.94 -15.09
CA HIS C 132 -1.84 1.16 -16.29
C HIS C 132 -0.41 1.29 -16.77
N SER C 133 0.44 1.79 -15.90
CA SER C 133 1.83 1.96 -16.23
C SER C 133 2.47 0.67 -16.71
N GLY C 134 3.14 0.76 -17.84
CA GLY C 134 3.80 -0.41 -18.37
C GLY C 134 5.16 -0.52 -17.73
N PHE C 135 5.52 0.41 -16.85
CA PHE C 135 6.82 0.30 -16.22
C PHE C 135 6.99 -0.99 -15.41
N ILE C 136 8.13 -1.63 -15.55
CA ILE C 136 8.37 -2.91 -14.89
C ILE C 136 7.96 -2.94 -13.43
N GLY C 137 8.20 -1.85 -12.71
CA GLY C 137 7.84 -1.81 -11.31
C GLY C 137 6.35 -1.93 -11.07
N ASN C 138 5.56 -1.25 -11.87
CA ASN C 138 4.13 -1.29 -11.69
C ASN C 138 3.59 -2.67 -12.05
N GLU C 139 4.06 -3.23 -13.17
CA GLU C 139 3.58 -4.55 -13.61
C GLU C 139 3.89 -5.68 -12.67
N GLU C 140 5.10 -5.66 -12.12
CA GLU C 140 5.53 -6.73 -11.21
C GLU C 140 4.80 -6.70 -9.87
N ALA C 141 4.53 -5.48 -9.41
CA ALA C 141 3.85 -5.30 -8.15
C ALA C 141 2.46 -5.85 -8.34
N ASP C 142 1.88 -5.50 -9.48
CA ASP C 142 0.54 -5.94 -9.80
C ASP C 142 0.54 -7.46 -9.98
N ARG C 143 1.53 -7.97 -10.70
CA ARG C 143 1.61 -9.41 -10.92
C ARG C 143 1.77 -10.14 -9.59
N LEU C 144 2.57 -9.56 -8.70
CA LEU C 144 2.80 -10.17 -7.41
C LEU C 144 1.51 -10.16 -6.58
N ALA C 145 0.75 -9.08 -6.64
CA ALA C 145 -0.48 -9.00 -5.87
C ALA C 145 -1.42 -10.11 -6.27
N ARG C 146 -1.56 -10.27 -7.59
CA ARG C 146 -2.45 -11.28 -8.13
C ARG C 146 -2.02 -12.68 -7.74
N GLU C 147 -0.71 -12.92 -7.67
CA GLU C 147 -0.27 -14.24 -7.28
C GLU C 147 -0.61 -14.47 -5.83
N GLY C 148 -0.47 -13.43 -5.01
CA GLY C 148 -0.79 -13.59 -3.60
C GLY C 148 -2.27 -13.93 -3.39
N ALA C 149 -3.15 -13.26 -4.13
CA ALA C 149 -4.58 -13.50 -3.99
C ALA C 149 -5.01 -14.94 -4.30
N LYS C 150 -4.13 -15.77 -4.88
CA LYS C 150 -4.49 -17.15 -5.17
C LYS C 150 -4.29 -17.97 -3.92
N GLN C 151 -3.59 -17.40 -2.94
CA GLN C 151 -3.32 -18.12 -1.72
C GLN C 151 -4.57 -18.10 -0.87
N SER C 152 -4.63 -19.04 0.06
CA SER C 152 -5.75 -19.13 0.97
C SER C 152 -5.41 -18.25 2.18
N GLU C 153 -6.39 -18.04 3.06
CA GLU C 153 -6.14 -17.18 4.21
C GLU C 153 -5.46 -17.92 5.36
N ASP C 154 -5.05 -17.16 6.38
CA ASP C 154 -4.41 -17.66 7.62
C ASP C 154 -2.90 -17.99 7.63
#